data_9KE5
#
_entry.id   9KE5
#
_cell.length_a   69.150
_cell.length_b   69.150
_cell.length_c   80.430
_cell.angle_alpha   90.00
_cell.angle_beta   90.00
_cell.angle_gamma   120.00
#
_symmetry.space_group_name_H-M   'P 31 2 1'
#
loop_
_entity.id
_entity.type
_entity.pdbx_description
1 polymer 'Peptidyl-prolyl cis-trans isomerase NIMA-interacting 1'
2 non-polymer 3,6,9,12,15,18,21-HEPTAOXATRICOSANE-1,23-DIOL
3 non-polymer '4-prop-2-ynyl-1,4-thiazinane 1,1-dioxide'
4 non-polymer 'SULFATE ION'
5 water water
#
_entity_poly.entity_id   1
_entity_poly.type   'polypeptide(L)'
_entity_poly.pdbx_seq_one_letter_code
;MADEEKLPPGWEKAMSRSSGRVYYFNHITNASQWERPSGNSSSGGKNGQGEPARVRCSHLLVKHSQSRRPSSWRQEKITR
TKEEALELINGYIQKIKSGEEDFESLASQFSDCSSAKARGDLGAFSRGQMQKPFEDASFALRTGEMSGPVFTDSGIHIIL
RTE
;
_entity_poly.pdbx_strand_id   A
#
loop_
_chem_comp.id
_chem_comp.type
_chem_comp.name
_chem_comp.formula
A1EE3 non-polymer '4-prop-2-ynyl-1,4-thiazinane 1,1-dioxide' 'C7 H11 N O2 S'
PE8 non-polymer 3,6,9,12,15,18,21-HEPTAOXATRICOSANE-1,23-DIOL 'C16 H34 O9'
SO4 non-polymer 'SULFATE ION' 'O4 S -2'
#
# COMPACT_ATOMS: atom_id res chain seq x y z
N LYS A 6 -2.69 -19.04 -15.56
CA LYS A 6 -3.45 -17.92 -16.11
C LYS A 6 -2.69 -16.61 -15.95
N LEU A 7 -2.64 -16.11 -14.73
CA LEU A 7 -2.19 -14.77 -14.40
C LEU A 7 -1.13 -14.82 -13.32
N PRO A 8 -0.36 -13.74 -13.16
CA PRO A 8 0.74 -13.72 -12.18
C PRO A 8 0.26 -14.00 -10.77
N PRO A 9 1.19 -14.22 -9.80
CA PRO A 9 0.78 -14.60 -8.44
C PRO A 9 -0.27 -13.68 -7.81
N GLY A 10 -1.43 -14.26 -7.47
CA GLY A 10 -2.41 -13.58 -6.64
C GLY A 10 -3.50 -12.83 -7.38
N TRP A 11 -3.48 -12.80 -8.71
CA TRP A 11 -4.42 -12.04 -9.52
C TRP A 11 -5.61 -12.90 -9.89
N GLU A 12 -6.80 -12.32 -9.85
CA GLU A 12 -7.99 -13.03 -10.27
C GLU A 12 -8.91 -12.08 -11.02
N LYS A 13 -9.81 -12.65 -11.79
CA LYS A 13 -10.80 -11.90 -12.54
C LYS A 13 -12.04 -11.65 -11.69
N ALA A 14 -12.70 -10.53 -11.97
CA ALA A 14 -13.87 -10.12 -11.22
C ALA A 14 -14.76 -9.32 -12.14
N MET A 15 -16.02 -9.14 -11.74
CA MET A 15 -16.92 -8.30 -12.51
C MET A 15 -17.25 -7.01 -11.77
N SER A 16 -17.21 -5.91 -12.50
CA SER A 16 -17.57 -4.58 -11.92
C SER A 16 -19.09 -4.51 -11.69
N ARG A 17 -19.48 -4.01 -10.52
CA ARG A 17 -20.91 -3.92 -10.16
C ARG A 17 -21.56 -2.74 -10.87
N SER A 18 -20.77 -1.71 -11.17
CA SER A 18 -21.39 -0.48 -11.74
C SER A 18 -21.48 -0.58 -13.26
N SER A 19 -20.48 -1.16 -13.91
CA SER A 19 -20.38 -1.17 -15.36
C SER A 19 -20.59 -2.53 -16.01
N GLY A 20 -20.48 -3.63 -15.24
CA GLY A 20 -20.50 -4.96 -15.83
C GLY A 20 -19.24 -5.36 -16.57
N ARG A 21 -18.23 -4.49 -16.60
CA ARG A 21 -16.99 -4.79 -17.28
C ARG A 21 -16.09 -5.62 -16.35
N VAL A 22 -15.35 -6.57 -16.94
CA VAL A 22 -14.38 -7.34 -16.17
C VAL A 22 -13.25 -6.43 -15.71
N TYR A 23 -12.63 -6.78 -14.58
CA TYR A 23 -11.41 -6.14 -14.14
C TYR A 23 -10.57 -7.20 -13.46
N TYR A 24 -9.44 -6.78 -12.89
CA TYR A 24 -8.49 -7.70 -12.31
C TYR A 24 -8.13 -7.21 -10.93
N PHE A 25 -8.00 -8.14 -10.00
CA PHE A 25 -7.86 -7.87 -8.58
C PHE A 25 -6.83 -8.84 -8.04
N ASN A 26 -5.96 -8.36 -7.14
CA ASN A 26 -4.90 -9.17 -6.54
C ASN A 26 -5.19 -9.29 -5.05
N HIS A 27 -5.40 -10.52 -4.58
CA HIS A 27 -5.79 -10.71 -3.19
C HIS A 27 -4.59 -10.71 -2.24
N ILE A 28 -3.37 -10.64 -2.76
CA ILE A 28 -2.19 -10.44 -1.93
C ILE A 28 -1.87 -8.95 -1.75
N THR A 29 -2.00 -8.14 -2.81
CA THR A 29 -1.61 -6.73 -2.73
C THR A 29 -2.80 -5.78 -2.60
N ASN A 30 -4.02 -6.27 -2.86
CA ASN A 30 -5.29 -5.52 -2.88
C ASN A 30 -5.34 -4.51 -4.03
N ALA A 31 -4.45 -4.63 -5.03
CA ALA A 31 -4.54 -3.78 -6.22
C ALA A 31 -5.72 -4.21 -7.09
N SER A 32 -6.29 -3.25 -7.80
CA SER A 32 -7.32 -3.54 -8.79
C SER A 32 -7.13 -2.62 -9.99
N GLN A 33 -7.48 -3.11 -11.18
CA GLN A 33 -7.21 -2.38 -12.42
C GLN A 33 -8.06 -2.98 -13.54
N TRP A 34 -8.35 -2.16 -14.56
CA TRP A 34 -9.13 -2.65 -15.70
C TRP A 34 -8.30 -3.56 -16.59
N GLU A 35 -7.01 -3.25 -16.73
CA GLU A 35 -6.19 -3.89 -17.75
C GLU A 35 -5.63 -5.22 -17.23
N ARG A 36 -5.46 -6.18 -18.15
CA ARG A 36 -4.92 -7.47 -17.79
C ARG A 36 -3.49 -7.31 -17.30
N PRO A 37 -3.13 -7.86 -16.13
CA PRO A 37 -1.80 -7.60 -15.58
C PRO A 37 -0.69 -8.27 -16.37
N SER A 38 0.48 -7.64 -16.34
CA SER A 38 1.62 -8.03 -17.15
C SER A 38 2.38 -9.21 -16.54
N GLY A 39 3.02 -9.99 -17.40
CA GLY A 39 3.90 -11.08 -16.99
C GLY A 39 3.30 -12.10 -16.04
N GLU A 51 11.22 -15.71 -7.85
CA GLU A 51 11.02 -14.42 -7.21
C GLU A 51 12.38 -13.91 -6.69
N PRO A 52 12.58 -12.58 -6.67
CA PRO A 52 13.89 -12.04 -6.27
C PRO A 52 14.17 -12.22 -4.79
N ALA A 53 15.46 -12.14 -4.46
CA ALA A 53 15.89 -12.27 -3.08
C ALA A 53 15.64 -11.02 -2.26
N ARG A 54 15.69 -9.85 -2.90
CA ARG A 54 15.44 -8.58 -2.25
C ARG A 54 14.52 -7.75 -3.15
N VAL A 55 13.74 -6.85 -2.53
CA VAL A 55 12.97 -5.85 -3.24
C VAL A 55 13.12 -4.54 -2.48
N ARG A 56 12.85 -3.43 -3.17
CA ARG A 56 12.91 -2.11 -2.58
C ARG A 56 11.55 -1.43 -2.72
N CYS A 57 11.02 -0.93 -1.62
CA CYS A 57 9.68 -0.37 -1.57
C CYS A 57 9.68 0.88 -0.72
N SER A 58 8.78 1.81 -1.07
CA SER A 58 8.35 2.88 -0.19
C SER A 58 6.95 2.59 0.32
N HIS A 59 6.52 3.34 1.34
CA HIS A 59 5.14 3.17 1.79
C HIS A 59 4.62 4.46 2.40
N LEU A 60 3.31 4.49 2.58
CA LEU A 60 2.63 5.56 3.28
C LEU A 60 1.75 4.87 4.32
N LEU A 61 1.95 5.19 5.58
CA LEU A 61 1.30 4.49 6.66
C LEU A 61 0.29 5.43 7.30
N VAL A 62 -0.93 4.94 7.49
CA VAL A 62 -1.93 5.67 8.26
C VAL A 62 -2.25 4.82 9.48
N LYS A 63 -1.92 5.34 10.66
CA LYS A 63 -2.15 4.64 11.92
C LYS A 63 -3.56 4.90 12.41
N HIS A 64 -4.00 4.08 13.39
CA HIS A 64 -5.32 4.27 13.98
C HIS A 64 -5.27 3.86 15.45
N SER A 65 -6.44 3.90 16.08
CA SER A 65 -6.54 3.67 17.53
C SER A 65 -6.17 2.25 17.94
N GLN A 66 -6.32 1.27 17.03
CA GLN A 66 -5.93 -0.10 17.31
C GLN A 66 -4.51 -0.42 16.78
N SER A 67 -3.76 0.60 16.35
CA SER A 67 -2.38 0.38 15.94
C SER A 67 -1.54 -0.06 17.15
N ARG A 68 -0.52 -0.88 16.88
CA ARG A 68 0.35 -1.36 17.95
C ARG A 68 0.91 -0.20 18.76
N ARG A 69 1.40 0.84 18.08
CA ARG A 69 1.84 2.08 18.73
C ARG A 69 1.02 3.24 18.17
N PRO A 70 -0.07 3.68 18.88
CA PRO A 70 -0.95 4.74 18.40
C PRO A 70 -0.34 6.15 18.52
N SER A 71 0.90 6.29 18.07
CA SER A 71 1.65 7.54 18.18
C SER A 71 2.48 7.69 16.93
N SER A 72 2.62 8.92 16.43
CA SER A 72 3.49 9.18 15.29
C SER A 72 4.12 10.55 15.42
N TRP A 73 5.19 10.78 14.62
CA TRP A 73 5.75 12.12 14.50
C TRP A 73 4.73 13.18 14.11
N ARG A 74 3.57 12.79 13.54
CA ARG A 74 2.53 13.75 13.18
C ARG A 74 1.54 14.00 14.31
N GLN A 75 1.36 13.05 15.21
CA GLN A 75 0.34 13.14 16.25
C GLN A 75 0.83 12.40 17.46
N GLU A 76 0.92 13.09 18.60
CA GLU A 76 1.41 12.44 19.81
C GLU A 76 0.50 11.27 20.20
N LYS A 77 -0.81 11.47 20.11
CA LYS A 77 -1.78 10.39 20.32
C LYS A 77 -2.74 10.34 19.13
N ILE A 78 -2.72 9.22 18.42
CA ILE A 78 -3.60 9.00 17.28
C ILE A 78 -4.96 8.54 17.80
N THR A 79 -6.03 9.24 17.41
CA THR A 79 -7.38 8.91 17.86
C THR A 79 -8.28 8.30 16.79
N ARG A 80 -7.98 8.52 15.50
CA ARG A 80 -8.86 8.09 14.44
C ARG A 80 -9.13 6.58 14.50
N THR A 81 -10.30 6.18 14.01
CA THR A 81 -10.67 4.79 14.00
C THR A 81 -10.09 4.08 12.78
N LYS A 82 -9.96 2.76 12.90
CA LYS A 82 -9.58 1.90 11.78
C LYS A 82 -10.35 2.26 10.52
N GLU A 83 -11.64 2.60 10.67
CA GLU A 83 -12.45 2.88 9.49
C GLU A 83 -12.11 4.24 8.88
N GLU A 84 -11.81 5.22 9.74
CA GLU A 84 -11.37 6.52 9.23
C GLU A 84 -9.99 6.42 8.58
N ALA A 85 -9.09 5.65 9.20
CA ALA A 85 -7.78 5.43 8.59
C ALA A 85 -7.93 4.86 7.17
N LEU A 86 -8.84 3.90 7.00
CA LEU A 86 -9.02 3.28 5.68
C LEU A 86 -9.62 4.25 4.68
N GLU A 87 -10.48 5.16 5.14
CA GLU A 87 -11.01 6.15 4.21
C GLU A 87 -9.91 7.13 3.78
N LEU A 88 -9.03 7.49 4.70
CA LEU A 88 -7.88 8.32 4.34
C LEU A 88 -7.01 7.63 3.30
N ILE A 89 -6.68 6.35 3.54
CA ILE A 89 -5.89 5.58 2.58
C ILE A 89 -6.58 5.57 1.22
N ASN A 90 -7.89 5.33 1.23
CA ASN A 90 -8.64 5.26 -0.03
C ASN A 90 -8.54 6.57 -0.81
N GLY A 91 -8.64 7.70 -0.12
CA GLY A 91 -8.53 8.98 -0.80
C GLY A 91 -7.15 9.24 -1.38
N TYR A 92 -6.10 8.84 -0.64
CA TYR A 92 -4.73 9.02 -1.16
C TYR A 92 -4.52 8.20 -2.42
N ILE A 93 -5.05 6.96 -2.45
CA ILE A 93 -4.93 6.14 -3.65
C ILE A 93 -5.61 6.83 -4.83
N GLN A 94 -6.79 7.42 -4.57
CA GLN A 94 -7.49 8.14 -5.63
C GLN A 94 -6.62 9.24 -6.23
N LYS A 95 -6.05 10.10 -5.38
CA LYS A 95 -5.25 11.21 -5.88
C LYS A 95 -4.00 10.71 -6.61
N ILE A 96 -3.40 9.62 -6.13
CA ILE A 96 -2.22 9.09 -6.81
C ILE A 96 -2.60 8.58 -8.20
N LYS A 97 -3.70 7.82 -8.27
CA LYS A 97 -4.09 7.17 -9.52
C LYS A 97 -4.57 8.16 -10.56
N SER A 98 -5.22 9.24 -10.13
CA SER A 98 -5.62 10.28 -11.07
C SER A 98 -4.48 11.22 -11.45
N GLY A 99 -3.33 11.15 -10.79
CA GLY A 99 -2.23 12.04 -11.08
C GLY A 99 -2.31 13.39 -10.40
N GLU A 100 -3.34 13.64 -9.59
CA GLU A 100 -3.40 14.91 -8.85
C GLU A 100 -2.24 15.05 -7.88
N GLU A 101 -1.77 13.94 -7.30
CA GLU A 101 -0.66 13.97 -6.36
C GLU A 101 0.28 12.80 -6.64
N ASP A 102 1.55 13.02 -6.35
CA ASP A 102 2.57 11.98 -6.41
C ASP A 102 2.57 11.15 -5.13
N PHE A 103 2.84 9.85 -5.26
CA PHE A 103 3.02 9.01 -4.08
C PHE A 103 4.00 9.64 -3.08
N GLU A 104 5.14 10.13 -3.60
CA GLU A 104 6.23 10.61 -2.74
C GLU A 104 5.81 11.83 -1.94
N SER A 105 5.07 12.72 -2.59
CA SER A 105 4.57 13.93 -1.96
C SER A 105 3.59 13.62 -0.83
N LEU A 106 2.66 12.70 -1.08
CA LEU A 106 1.71 12.31 -0.04
C LEU A 106 2.39 11.54 1.09
N ALA A 107 3.39 10.72 0.77
CA ALA A 107 4.09 10.03 1.86
C ALA A 107 4.87 11.02 2.73
N SER A 108 5.42 12.07 2.11
CA SER A 108 6.20 13.06 2.87
C SER A 108 5.31 13.86 3.80
N GLN A 109 4.10 14.20 3.35
CA GLN A 109 3.21 15.04 4.14
C GLN A 109 2.37 14.25 5.16
N PHE A 110 2.02 12.99 4.87
CA PHE A 110 0.95 12.35 5.63
C PHE A 110 1.29 10.98 6.22
N SER A 111 2.39 10.35 5.85
CA SER A 111 2.70 9.04 6.41
C SER A 111 2.98 9.16 7.91
N ASP A 112 2.37 8.28 8.70
CA ASP A 112 2.65 8.17 10.13
C ASP A 112 3.89 7.34 10.42
N CYS A 113 4.66 6.99 9.40
CA CYS A 113 5.94 6.33 9.59
C CYS A 113 7.06 7.37 9.53
N SER A 114 8.09 7.18 10.35
CA SER A 114 9.19 8.14 10.34
C SER A 114 9.94 8.15 9.01
N SER A 115 9.72 7.14 8.16
CA SER A 115 10.26 7.13 6.80
C SER A 115 9.61 8.19 5.90
N ALA A 116 8.62 8.93 6.40
CA ALA A 116 8.09 10.08 5.67
C ALA A 116 9.19 11.06 5.30
N LYS A 117 10.25 11.15 6.10
CA LYS A 117 11.32 12.10 5.84
C LYS A 117 12.16 11.70 4.62
N ALA A 118 12.10 10.43 4.20
CA ALA A 118 12.79 9.95 3.01
C ALA A 118 11.79 9.57 1.94
N ARG A 119 10.69 10.31 1.86
CA ARG A 119 9.64 10.11 0.88
C ARG A 119 9.04 8.72 0.95
N GLY A 120 9.04 8.11 2.14
CA GLY A 120 8.45 6.80 2.34
C GLY A 120 9.38 5.63 2.09
N ASP A 121 10.60 5.89 1.59
CA ASP A 121 11.51 4.83 1.20
C ASP A 121 12.01 4.05 2.41
N LEU A 122 12.00 2.71 2.30
CA LEU A 122 12.49 1.82 3.35
C LEU A 122 13.78 1.09 2.99
N GLY A 123 14.37 1.34 1.82
CA GLY A 123 15.53 0.57 1.41
C GLY A 123 15.14 -0.81 0.94
N ALA A 124 16.15 -1.64 0.68
CA ALA A 124 15.91 -2.99 0.19
C ALA A 124 15.81 -3.97 1.36
N PHE A 125 14.99 -5.01 1.18
CA PHE A 125 14.83 -6.01 2.24
C PHE A 125 14.56 -7.39 1.66
N SER A 126 14.75 -8.39 2.51
CA SER A 126 14.52 -9.81 2.21
C SER A 126 13.22 -10.28 2.87
N ARG A 127 12.79 -11.48 2.48
CA ARG A 127 11.75 -12.16 3.26
C ARG A 127 12.29 -12.52 4.63
N GLY A 128 11.46 -12.38 5.66
CA GLY A 128 11.87 -12.60 7.02
C GLY A 128 12.15 -11.35 7.84
N GLN A 129 12.07 -10.16 7.24
CA GLN A 129 12.38 -8.92 7.96
C GLN A 129 11.14 -8.09 8.30
N MET A 130 10.18 -7.94 7.40
CA MET A 130 9.03 -7.11 7.70
C MET A 130 7.87 -7.95 8.20
N GLN A 131 6.84 -7.27 8.70
CA GLN A 131 5.59 -7.94 9.04
C GLN A 131 5.04 -8.64 7.82
N LYS A 132 4.52 -9.84 8.04
CA LYS A 132 4.21 -10.75 6.93
C LYS A 132 3.24 -10.19 5.89
N PRO A 133 2.13 -9.51 6.26
CA PRO A 133 1.28 -8.94 5.20
C PRO A 133 2.01 -7.95 4.31
N PHE A 134 2.85 -7.10 4.91
CA PHE A 134 3.70 -6.18 4.17
C PHE A 134 4.65 -6.92 3.25
N GLU A 135 5.37 -7.91 3.79
CA GLU A 135 6.33 -8.69 3.00
C GLU A 135 5.63 -9.36 1.81
N ASP A 136 4.48 -9.98 2.04
CA ASP A 136 3.78 -10.68 0.97
C ASP A 136 3.37 -9.73 -0.14
N ALA A 137 2.81 -8.58 0.23
CA ALA A 137 2.39 -7.64 -0.78
C ALA A 137 3.60 -7.07 -1.53
N SER A 138 4.68 -6.77 -0.81
CA SER A 138 5.86 -6.20 -1.46
C SER A 138 6.46 -7.13 -2.50
N PHE A 139 6.54 -8.43 -2.19
CA PHE A 139 7.12 -9.39 -3.11
C PHE A 139 6.17 -9.80 -4.24
N ALA A 140 4.87 -9.58 -4.09
CA ALA A 140 3.94 -9.85 -5.17
C ALA A 140 3.83 -8.69 -6.16
N LEU A 141 4.29 -7.50 -5.81
CA LEU A 141 4.30 -6.39 -6.75
C LEU A 141 5.41 -6.56 -7.77
N ARG A 142 5.19 -6.06 -8.97
CA ARG A 142 6.29 -5.90 -9.91
C ARG A 142 6.93 -4.52 -9.73
N THR A 143 8.13 -4.35 -10.29
CA THR A 143 8.80 -3.06 -10.18
C THR A 143 7.94 -1.98 -10.81
N GLY A 144 7.70 -0.90 -10.07
CA GLY A 144 6.88 0.19 -10.53
C GLY A 144 5.44 0.13 -10.08
N GLU A 145 4.98 -1.03 -9.60
CA GLU A 145 3.58 -1.25 -9.23
C GLU A 145 3.31 -0.79 -7.80
N MET A 146 2.04 -0.47 -7.55
CA MET A 146 1.59 -0.01 -6.26
C MET A 146 0.49 -0.93 -5.75
N SER A 147 0.39 -1.04 -4.43
CA SER A 147 -0.61 -1.89 -3.82
C SER A 147 -1.90 -1.11 -3.56
N GLY A 148 -2.95 -1.85 -3.17
CA GLY A 148 -4.13 -1.26 -2.56
C GLY A 148 -3.88 -1.20 -1.06
N PRO A 149 -4.94 -1.05 -0.26
CA PRO A 149 -4.73 -1.05 1.22
C PRO A 149 -4.16 -2.38 1.71
N VAL A 150 -3.11 -2.29 2.54
CA VAL A 150 -2.46 -3.45 3.16
C VAL A 150 -2.47 -3.27 4.67
N PHE A 151 -3.05 -4.26 5.38
CA PHE A 151 -3.29 -4.17 6.82
C PHE A 151 -2.24 -4.95 7.60
N THR A 152 -1.66 -4.31 8.61
CA THR A 152 -0.68 -4.92 9.52
C THR A 152 -0.97 -4.42 10.92
N ASP A 153 -0.18 -4.89 11.89
CA ASP A 153 -0.39 -4.40 13.24
C ASP A 153 0.00 -2.92 13.41
N SER A 154 0.74 -2.32 12.45
CA SER A 154 1.10 -0.91 12.58
C SER A 154 -0.02 0.03 12.16
N GLY A 155 -0.86 -0.38 11.22
CA GLY A 155 -1.86 0.50 10.62
C GLY A 155 -2.20 -0.03 9.24
N ILE A 156 -2.52 0.91 8.33
CA ILE A 156 -2.85 0.60 6.95
C ILE A 156 -1.81 1.27 6.04
N HIS A 157 -1.31 0.51 5.06
CA HIS A 157 -0.19 0.92 4.22
C HIS A 157 -0.62 1.05 2.77
N ILE A 158 0.02 1.98 2.06
CA ILE A 158 0.14 1.91 0.60
C ILE A 158 1.60 1.63 0.28
N ILE A 159 1.86 0.58 -0.49
CA ILE A 159 3.22 0.14 -0.80
C ILE A 159 3.50 0.38 -2.29
N LEU A 160 4.65 1.00 -2.58
CA LEU A 160 5.12 1.21 -3.94
C LEU A 160 6.47 0.51 -4.09
N ARG A 161 6.56 -0.41 -5.04
CA ARG A 161 7.80 -1.15 -5.27
C ARG A 161 8.68 -0.40 -6.25
N THR A 162 9.92 -0.07 -5.82
CA THR A 162 10.80 0.74 -6.64
C THR A 162 11.97 -0.03 -7.25
N GLU A 163 12.37 -1.16 -6.68
CA GLU A 163 13.41 -2.04 -7.23
C GLU A 163 13.10 -3.48 -6.86
O1 PE8 B . -4.63 -0.48 -7.27
C2 PE8 B . -4.77 -0.10 -5.92
C3 PE8 B . -6.19 -0.06 -5.50
O4 PE8 B . -6.89 0.96 -6.22
C5 PE8 B . -8.24 1.12 -5.79
C6 PE8 B . -8.87 2.29 -6.47
O7 PE8 B . -8.86 2.10 -7.88
C8 PE8 B . -9.49 3.16 -8.59
C9 PE8 B . -9.38 2.92 -10.07
O10 PE8 B . -9.82 1.60 -10.35
C11 PE8 B . -9.87 1.31 -11.73
C12 PE8 B . -10.19 -0.13 -11.94
O13 PE8 B . -11.41 -0.44 -11.26
C14 PE8 B . -12.00 -1.66 -11.70
C15 PE8 B . -13.26 -1.85 -10.95
O16 PE8 B . -12.97 -1.81 -9.56
C17 PE8 B . -14.15 -1.83 -8.74
C18 PE8 B . -13.94 -2.77 -7.60
O19 PE8 B . -12.92 -2.28 -6.72
C20 PE8 B . -13.19 -0.96 -6.27
C21 PE8 B . -12.31 -0.63 -5.10
O22 PE8 B . -12.50 0.74 -4.78
C23 PE8 B . -12.31 1.02 -3.40
C24 PE8 B . -12.59 2.48 -3.16
O25 PE8 B . -13.12 2.70 -1.86
N1 A1EE3 C . 7.85 -0.66 9.22
C4 A1EE3 C . 10.26 -0.32 9.11
C5 A1EE3 C . 11.29 -0.80 8.82
C6 A1EE3 C . 7.87 -1.22 7.87
C7 A1EE3 C . 6.55 -1.89 7.53
C1 A1EE3 C . 6.60 -2.53 10.23
C2 A1EE3 C . 7.91 -1.78 10.19
C3 A1EE3 C . 8.96 0.27 9.43
O1 A1EE3 C . 4.79 -3.50 8.60
O2 A1EE3 C . 7.07 -4.32 8.35
S1 A1EE3 C . 6.19 -3.23 8.65
S SO4 D . 9.84 -7.59 -11.89
O1 SO4 D . 9.91 -8.77 -12.76
O2 SO4 D . 9.08 -7.94 -10.68
O3 SO4 D . 11.20 -7.18 -11.53
O4 SO4 D . 9.19 -6.48 -12.61
S SO4 E . 4.77 0.64 14.94
O1 SO4 E . 5.18 0.44 13.54
O2 SO4 E . 3.34 0.38 15.17
O3 SO4 E . 5.52 -0.30 15.78
O4 SO4 E . 5.11 2.02 15.28
#